data_7PVF
#
_entry.id   7PVF
#
_cell.length_a   50.680
_cell.length_b   69.279
_cell.length_c   118.081
_cell.angle_alpha   90.000
_cell.angle_beta   90.000
_cell.angle_gamma   90.000
#
_symmetry.space_group_name_H-M   'I 2 2 2'
#
loop_
_entity.id
_entity.type
_entity.pdbx_description
1 polymer 'Cholinephosphate cytidylyltransferase'
2 non-polymer 1,1-bis(oxidanylidene)thietan-3-ol
3 non-polymer Guanidinium
4 water water
#
_entity_poly.entity_id   1
_entity_poly.type   'polypeptide(L)'
_entity_poly.pdbx_seq_one_letter_code
;GHMAVPDDDDDDDNSNDESEYESSQMDSEKNKGSIKNSKNVVIYADGVYDMLHLGHMKQLEQAKKLFENTTLIVGVTSDN
ETKLFKGQVVQTLEERTETLKHIRWVDEIISPCPWVVTPEFLEKYKIDYVAHDDIPYANNQKEDIYAWLKRAGKFKATQR
TEGVSTTDLIVRILKNYEDY
;
_entity_poly.pdbx_strand_id   A
#
# COMPACT_ATOMS: atom_id res chain seq x y z
N LYS A 39 -21.04 0.33 12.74
CA LYS A 39 -19.89 1.22 12.95
C LYS A 39 -18.86 1.18 11.80
N ASN A 40 -19.12 1.77 10.62
CA ASN A 40 -18.24 1.54 9.48
C ASN A 40 -17.09 2.54 9.41
N VAL A 41 -15.86 2.03 9.53
CA VAL A 41 -14.65 2.84 9.64
C VAL A 41 -13.97 2.88 8.27
N VAL A 42 -13.62 4.08 7.80
CA VAL A 42 -12.93 4.22 6.52
C VAL A 42 -11.43 4.26 6.79
N ILE A 43 -10.70 3.38 6.13
CA ILE A 43 -9.27 3.17 6.34
C ILE A 43 -8.59 3.50 5.03
N TYR A 44 -7.45 4.18 5.09
CA TYR A 44 -6.73 4.55 3.88
C TYR A 44 -5.31 4.03 3.99
N ALA A 45 -4.85 3.34 2.95
CA ALA A 45 -3.47 2.87 2.88
C ALA A 45 -2.92 3.21 1.51
N ASP A 46 -1.75 3.79 1.45
CA ASP A 46 -1.20 4.16 0.16
C ASP A 46 0.16 3.51 -0.02
N GLY A 47 0.64 3.50 -1.26
CA GLY A 47 1.86 2.78 -1.56
C GLY A 47 2.07 2.75 -3.05
N VAL A 48 3.21 2.19 -3.44
CA VAL A 48 3.52 1.98 -4.85
C VAL A 48 2.86 0.71 -5.36
N TYR A 49 2.87 -0.35 -4.56
CA TYR A 49 2.31 -1.63 -4.97
C TYR A 49 2.92 -2.13 -6.27
N ASP A 50 4.22 -1.90 -6.46
CA ASP A 50 4.90 -2.47 -7.61
C ASP A 50 5.05 -3.98 -7.45
N MET A 51 4.92 -4.72 -8.56
CA MET A 51 5.07 -6.17 -8.53
C MET A 51 4.46 -6.77 -7.28
N LEU A 52 3.15 -6.55 -7.12
CA LEU A 52 2.43 -6.94 -5.90
C LEU A 52 2.79 -8.35 -5.47
N HIS A 53 3.06 -8.53 -4.19
CA HIS A 53 3.42 -9.83 -3.64
C HIS A 53 2.70 -10.05 -2.31
N LEU A 54 2.95 -11.24 -1.73
CA LEU A 54 2.26 -11.64 -0.52
C LEU A 54 2.48 -10.65 0.60
N GLY A 55 3.60 -9.94 0.59
CA GLY A 55 3.85 -8.93 1.60
C GLY A 55 2.87 -7.76 1.53
N HIS A 56 2.61 -7.25 0.34
CA HIS A 56 1.58 -6.22 0.20
C HIS A 56 0.24 -6.74 0.66
N MET A 57 -0.13 -7.95 0.19
CA MET A 57 -1.44 -8.48 0.47
C MET A 57 -1.65 -8.67 1.96
N LYS A 58 -0.65 -9.18 2.67
CA LYS A 58 -0.78 -9.32 4.11
C LYS A 58 -0.98 -7.96 4.78
N GLN A 59 -0.25 -6.94 4.31
CA GLN A 59 -0.43 -5.59 4.82
C GLN A 59 -1.85 -5.09 4.57
N LEU A 60 -2.33 -5.23 3.34
CA LEU A 60 -3.69 -4.79 3.03
C LEU A 60 -4.72 -5.54 3.87
N GLU A 61 -4.49 -6.82 4.12
CA GLU A 61 -5.41 -7.58 4.96
C GLU A 61 -5.45 -7.01 6.36
N GLN A 62 -4.28 -6.63 6.87
CA GLN A 62 -4.21 -6.02 8.20
C GLN A 62 -4.98 -4.71 8.23
N ALA A 63 -4.63 -3.79 7.35
CA ALA A 63 -5.44 -2.59 7.25
C ALA A 63 -6.93 -2.92 7.25
N LYS A 64 -7.35 -3.90 6.44
CA LYS A 64 -8.78 -4.11 6.25
C LYS A 64 -9.45 -4.62 7.53
N LYS A 65 -8.71 -5.31 8.38
CA LYS A 65 -9.25 -5.95 9.56
C LYS A 65 -8.96 -5.19 10.83
N LEU A 66 -8.40 -3.98 10.72
CA LEU A 66 -8.22 -3.15 11.91
C LEU A 66 -9.49 -3.05 12.73
N PHE A 67 -10.67 -3.05 12.10
CA PHE A 67 -11.92 -2.98 12.85
C PHE A 67 -12.93 -3.96 12.25
N GLU A 68 -14.02 -4.15 12.98
CA GLU A 68 -15.02 -5.14 12.59
C GLU A 68 -15.65 -4.82 11.25
N ASN A 69 -15.94 -3.55 10.99
CA ASN A 69 -16.60 -3.14 9.76
C ASN A 69 -15.84 -1.95 9.18
N THR A 70 -15.19 -2.17 8.03
CA THR A 70 -14.31 -1.19 7.42
C THR A 70 -14.56 -1.06 5.93
N THR A 71 -14.25 0.11 5.40
CA THR A 71 -14.04 0.32 3.99
C THR A 71 -12.57 0.66 3.82
N LEU A 72 -11.85 -0.19 3.10
CA LEU A 72 -10.42 0.01 2.85
C LEU A 72 -10.25 0.70 1.50
N ILE A 73 -9.71 1.93 1.52
CA ILE A 73 -9.31 2.66 0.33
C ILE A 73 -7.80 2.53 0.16
N VAL A 74 -7.36 2.11 -1.01
CA VAL A 74 -5.95 1.99 -1.32
C VAL A 74 -5.57 3.12 -2.27
N GLY A 75 -4.47 3.78 -1.97
CA GLY A 75 -3.93 4.81 -2.83
C GLY A 75 -2.65 4.31 -3.51
N VAL A 76 -2.59 4.54 -4.81
CA VAL A 76 -1.55 4.03 -5.71
C VAL A 76 -0.78 5.23 -6.25
N THR A 77 0.52 5.30 -5.94
CA THR A 77 1.29 6.49 -6.29
C THR A 77 1.54 6.57 -7.79
N SER A 78 1.64 7.80 -8.30
CA SER A 78 1.88 8.00 -9.73
C SER A 78 3.28 7.53 -10.11
N ASP A 79 3.45 7.18 -11.38
CA ASP A 79 4.78 6.80 -11.86
C ASP A 79 5.77 7.93 -11.64
N ASN A 80 5.39 9.15 -12.06
CA ASN A 80 6.37 10.22 -12.09
C ASN A 80 6.84 10.59 -10.69
N GLU A 81 5.89 10.75 -9.76
CA GLU A 81 6.28 11.08 -8.39
C GLU A 81 7.05 9.94 -7.75
N THR A 82 6.59 8.70 -7.95
CA THR A 82 7.33 7.56 -7.45
C THR A 82 8.78 7.59 -7.94
N LYS A 83 8.97 7.79 -9.24
CA LYS A 83 10.32 7.76 -9.80
C LYS A 83 11.18 8.89 -9.21
N LEU A 84 10.59 10.06 -9.01
CA LEU A 84 11.38 11.21 -8.60
C LEU A 84 11.80 11.10 -7.14
N PHE A 85 10.88 10.74 -6.25
CA PHE A 85 11.17 10.71 -4.83
C PHE A 85 11.69 9.37 -4.33
N LYS A 86 11.09 8.28 -4.78
CA LYS A 86 11.46 6.95 -4.22
C LYS A 86 12.50 6.27 -5.10
N GLY A 87 12.08 5.74 -6.25
CA GLY A 87 13.00 5.04 -7.10
C GLY A 87 12.30 4.48 -8.31
N GLN A 88 12.99 3.54 -8.95
CA GLN A 88 12.47 2.93 -10.16
C GLN A 88 11.25 2.08 -9.85
N VAL A 89 10.26 2.16 -10.75
CA VAL A 89 9.04 1.36 -10.66
C VAL A 89 8.97 0.50 -11.91
N VAL A 90 8.61 -0.77 -11.73
CA VAL A 90 8.61 -1.71 -12.85
C VAL A 90 7.32 -1.64 -13.65
N GLN A 91 6.19 -1.51 -12.98
CA GLN A 91 4.90 -1.48 -13.65
C GLN A 91 4.33 -0.08 -13.66
N THR A 92 3.53 0.21 -14.68
CA THR A 92 2.90 1.52 -14.78
C THR A 92 1.76 1.65 -13.77
N LEU A 93 1.18 2.85 -13.73
CA LEU A 93 0.03 3.07 -12.89
C LEU A 93 -1.06 2.07 -13.24
N GLU A 94 -1.46 2.04 -14.51
CA GLU A 94 -2.57 1.17 -14.93
C GLU A 94 -2.35 -0.26 -14.48
N GLU A 95 -1.17 -0.83 -14.77
CA GLU A 95 -0.91 -2.20 -14.36
C GLU A 95 -0.92 -2.36 -12.85
N ARG A 96 -0.34 -1.40 -12.11
CA ARG A 96 -0.31 -1.58 -10.66
C ARG A 96 -1.70 -1.46 -10.07
N THR A 97 -2.58 -0.70 -10.71
CA THR A 97 -3.93 -0.60 -10.20
C THR A 97 -4.76 -1.81 -10.62
N GLU A 98 -4.59 -2.25 -11.87
CA GLU A 98 -5.33 -3.42 -12.33
C GLU A 98 -5.13 -4.60 -11.39
N THR A 99 -3.90 -4.80 -10.90
CA THR A 99 -3.64 -5.93 -10.02
C THR A 99 -4.34 -5.77 -8.66
N LEU A 100 -4.28 -4.57 -8.09
CA LEU A 100 -4.91 -4.32 -6.80
C LEU A 100 -6.41 -4.56 -6.85
N LYS A 101 -7.02 -4.33 -8.00
CA LYS A 101 -8.46 -4.57 -8.12
C LYS A 101 -8.80 -6.02 -7.78
N HIS A 102 -7.85 -6.95 -7.94
CA HIS A 102 -8.16 -8.36 -7.73
C HIS A 102 -7.95 -8.83 -6.31
N ILE A 103 -7.55 -7.96 -5.40
CA ILE A 103 -7.25 -8.34 -4.03
C ILE A 103 -8.52 -8.16 -3.23
N ARG A 104 -8.87 -9.16 -2.43
CA ARG A 104 -10.19 -9.15 -1.81
C ARG A 104 -10.33 -8.11 -0.71
N TRP A 105 -9.25 -7.70 -0.07
CA TRP A 105 -9.41 -6.75 1.00
C TRP A 105 -9.73 -5.34 0.52
N VAL A 106 -9.54 -5.07 -0.77
CA VAL A 106 -9.51 -3.70 -1.28
C VAL A 106 -10.92 -3.28 -1.62
N ASP A 107 -11.41 -2.22 -1.00
CA ASP A 107 -12.78 -1.77 -1.30
C ASP A 107 -12.81 -0.67 -2.36
N GLU A 108 -11.86 0.25 -2.32
CA GLU A 108 -11.82 1.39 -3.21
C GLU A 108 -10.37 1.69 -3.53
N ILE A 109 -10.13 2.21 -4.73
CA ILE A 109 -8.78 2.60 -5.15
C ILE A 109 -8.79 4.05 -5.57
N ILE A 110 -7.83 4.80 -5.08
CA ILE A 110 -7.57 6.15 -5.57
C ILE A 110 -6.30 6.07 -6.40
N SER A 111 -6.44 6.31 -7.70
CA SER A 111 -5.39 6.03 -8.68
C SER A 111 -5.38 7.06 -9.79
N PRO A 112 -4.39 7.96 -9.81
CA PRO A 112 -3.26 8.02 -8.88
C PRO A 112 -3.65 8.68 -7.60
N CYS A 113 -2.90 8.50 -6.53
CA CYS A 113 -3.19 9.16 -5.28
C CYS A 113 -2.16 10.27 -5.04
N PRO A 114 -2.43 11.20 -4.12
CA PRO A 114 -1.42 12.20 -3.81
C PRO A 114 -0.23 11.54 -3.17
N TRP A 115 0.94 12.11 -3.40
CA TRP A 115 2.16 11.58 -2.81
C TRP A 115 2.20 11.85 -1.31
N VAL A 116 1.91 13.09 -0.90
CA VAL A 116 1.86 13.47 0.51
C VAL A 116 0.41 13.52 0.94
N VAL A 117 0.10 12.90 2.09
CA VAL A 117 -1.23 12.92 2.69
C VAL A 117 -1.43 14.22 3.47
N THR A 118 -2.60 14.83 3.29
CA THR A 118 -2.92 16.12 3.87
C THR A 118 -4.25 16.07 4.59
N PRO A 119 -4.44 16.93 5.61
CA PRO A 119 -5.72 16.97 6.33
C PRO A 119 -6.91 17.14 5.40
N GLU A 120 -6.78 18.00 4.38
CA GLU A 120 -7.90 18.22 3.48
C GLU A 120 -8.20 16.98 2.65
N PHE A 121 -7.20 16.13 2.41
CA PHE A 121 -7.45 14.84 1.76
C PHE A 121 -8.29 13.93 2.64
N LEU A 122 -7.95 13.85 3.93
CA LEU A 122 -8.72 13.03 4.88
C LEU A 122 -10.19 13.47 4.94
N GLU A 123 -10.44 14.78 5.01
CA GLU A 123 -11.82 15.24 5.00
C GLU A 123 -12.49 14.91 3.67
N LYS A 124 -11.83 15.18 2.55
CA LYS A 124 -12.46 14.96 1.26
C LYS A 124 -13.00 13.55 1.14
N TYR A 125 -12.21 12.56 1.56
CA TYR A 125 -12.62 11.16 1.42
C TYR A 125 -13.20 10.56 2.70
N LYS A 126 -13.46 11.38 3.73
CA LYS A 126 -14.08 10.89 4.96
C LYS A 126 -13.28 9.73 5.54
N ILE A 127 -11.97 9.94 5.66
CA ILE A 127 -11.05 8.91 6.13
C ILE A 127 -10.94 8.96 7.64
N ASP A 128 -11.18 7.84 8.31
CA ASP A 128 -10.99 7.79 9.75
C ASP A 128 -9.56 7.48 10.14
N TYR A 129 -8.87 6.59 9.42
CA TYR A 129 -7.51 6.24 9.80
C TYR A 129 -6.65 6.02 8.57
N VAL A 130 -5.35 6.26 8.74
CA VAL A 130 -4.35 5.97 7.74
C VAL A 130 -3.56 4.77 8.24
N ALA A 131 -3.35 3.79 7.36
CA ALA A 131 -2.55 2.61 7.68
C ALA A 131 -1.25 2.65 6.88
N HIS A 132 -0.13 2.47 7.57
CA HIS A 132 1.19 2.47 6.98
C HIS A 132 2.10 1.81 8.01
N ASP A 133 3.30 1.44 7.58
CA ASP A 133 4.07 0.49 8.37
C ASP A 133 4.85 1.16 9.51
N ASP A 134 5.44 2.34 9.26
CA ASP A 134 6.25 3.12 10.23
C ASP A 134 7.73 3.17 9.83
N ILE A 145 7.16 12.11 9.75
CA ILE A 145 6.19 12.60 8.77
C ILE A 145 4.76 12.33 9.20
N TYR A 146 4.55 11.21 9.90
CA TYR A 146 3.22 10.83 10.34
C TYR A 146 2.87 11.45 11.70
N ALA A 147 3.74 12.30 12.23
CA ALA A 147 3.49 12.94 13.53
C ALA A 147 2.08 13.49 13.66
N TRP A 148 1.62 14.24 12.66
CA TRP A 148 0.30 14.85 12.79
C TRP A 148 -0.80 13.81 12.79
N LEU A 149 -0.63 12.69 12.07
CA LEU A 149 -1.66 11.66 12.10
C LEU A 149 -1.70 10.98 13.45
N LYS A 150 -0.55 10.72 14.05
CA LYS A 150 -0.55 10.17 15.41
C LYS A 150 -1.16 11.16 16.38
N ARG A 151 -0.81 12.44 16.25
CA ARG A 151 -1.31 13.43 17.18
C ARG A 151 -2.82 13.54 17.08
N ALA A 152 -3.38 13.20 15.95
CA ALA A 152 -4.82 13.30 15.76
C ALA A 152 -5.56 12.00 16.03
N GLY A 153 -4.88 10.97 16.52
CA GLY A 153 -5.52 9.67 16.70
C GLY A 153 -5.87 8.96 15.41
N LYS A 154 -5.27 9.32 14.29
CA LYS A 154 -5.66 8.80 12.99
C LYS A 154 -4.59 7.94 12.32
N PHE A 155 -3.58 7.49 13.07
CA PHE A 155 -2.56 6.60 12.53
C PHE A 155 -2.68 5.21 13.10
N LYS A 156 -2.63 4.20 12.23
CA LYS A 156 -2.71 2.81 12.63
C LYS A 156 -1.60 2.07 11.91
N ALA A 157 -0.67 1.49 12.65
CA ALA A 157 0.49 0.85 12.04
C ALA A 157 0.13 -0.54 11.54
N THR A 158 0.72 -0.90 10.40
CA THR A 158 0.71 -2.26 9.86
C THR A 158 2.16 -2.71 9.69
N GLN A 159 2.36 -4.01 9.49
CA GLN A 159 3.71 -4.58 9.44
C GLN A 159 4.01 -5.20 8.10
N ARG A 160 5.25 -5.03 7.64
CA ARG A 160 5.69 -5.73 6.45
C ARG A 160 6.17 -7.14 6.82
N THR A 161 6.17 -8.00 5.82
CA THR A 161 6.68 -9.36 5.95
C THR A 161 7.92 -9.47 5.07
N GLU A 162 9.03 -9.89 5.65
CA GLU A 162 10.25 -9.95 4.88
C GLU A 162 10.36 -11.28 4.14
N GLY A 163 11.18 -11.28 3.08
CA GLY A 163 11.56 -12.49 2.39
C GLY A 163 10.52 -13.09 1.47
N VAL A 164 9.40 -12.41 1.24
CA VAL A 164 8.32 -12.92 0.41
C VAL A 164 8.18 -12.12 -0.87
N SER A 165 9.13 -11.25 -1.18
CA SER A 165 8.96 -10.32 -2.30
C SER A 165 9.26 -11.00 -3.63
N THR A 166 8.80 -10.36 -4.70
CA THR A 166 8.97 -10.95 -6.02
C THR A 166 10.44 -10.98 -6.42
N THR A 167 11.22 -9.97 -6.05
CA THR A 167 12.65 -10.07 -6.31
C THR A 167 13.26 -11.26 -5.57
N ASP A 168 12.76 -11.58 -4.37
CA ASP A 168 13.26 -12.74 -3.65
C ASP A 168 13.01 -14.02 -4.45
N LEU A 169 11.92 -14.06 -5.22
CA LEU A 169 11.54 -15.25 -5.96
C LEU A 169 12.52 -15.56 -7.08
N ILE A 170 12.99 -14.53 -7.78
CA ILE A 170 13.97 -14.74 -8.83
C ILE A 170 15.28 -15.23 -8.25
N VAL A 171 15.73 -14.60 -7.17
CA VAL A 171 16.86 -15.11 -6.41
C VAL A 171 16.72 -16.62 -6.20
N ARG A 172 15.52 -17.07 -5.83
CA ARG A 172 15.31 -18.50 -5.65
C ARG A 172 15.46 -19.24 -6.97
N ILE A 173 14.83 -18.73 -8.03
CA ILE A 173 14.97 -19.35 -9.34
C ILE A 173 16.44 -19.49 -9.70
N LEU A 174 17.23 -18.47 -9.36
CA LEU A 174 18.62 -18.43 -9.78
C LEU A 174 19.51 -19.34 -8.94
N LYS A 175 19.18 -19.53 -7.66
CA LYS A 175 20.00 -20.43 -6.86
C LYS A 175 19.87 -21.93 -7.29
N ASN A 176 19.16 -22.24 -8.37
CA ASN A 176 19.17 -23.55 -9.01
C ASN A 176 20.41 -23.79 -9.86
N TYR A 177 21.40 -22.90 -9.78
CA TYR A 177 22.59 -22.95 -10.63
C TYR A 177 23.82 -22.80 -9.76
N GLU A 178 24.52 -23.90 -9.54
CA GLU A 178 25.85 -23.84 -8.94
C GLU A 178 26.67 -22.77 -9.63
N ASP A 179 27.41 -21.99 -8.84
CA ASP A 179 28.33 -21.04 -9.43
C ASP A 179 29.39 -21.72 -10.28
N TYR A 180 29.45 -23.05 -10.28
CA TYR A 180 30.41 -23.79 -11.10
C TYR A 180 29.78 -25.09 -11.61
#